data_9U42
#
_entry.id   9U42
#
_cell.length_a   53.058
_cell.length_b   121.250
_cell.length_c   54.363
_cell.angle_alpha   90.00
_cell.angle_beta   90.00
_cell.angle_gamma   90.00
#
_symmetry.space_group_name_H-M   'C 2 2 21'
#
loop_
_entity.id
_entity.type
_entity.pdbx_description
1 polymer Glyoxalase
2 non-polymer 'ZINC ION'
3 non-polymer 2-AMINO-2-HYDROXYMETHYL-PROPANE-1,3-DIOL
4 water water
#
_entity_poly.entity_id   1
_entity_poly.type   'polypeptide(L)'
_entity_poly.pdbx_seq_one_letter_code
;MTFAIKKIHHVAYRCKDAKETVEWYKKMLNMDFILAFAEDHVPSTKAFDPYMHLFLDAGQGNVLAFFELPTQPEMGRDEN
TPQWVQHIAFEVEDVNALMAAKQHLEENGVKVLGVTNHGIFHSIYFFDPNGHRLELTYNDVRAEEKIAKITEEMKAEMLE
EWSKTKRAPHHTHFLHEEELGT
;
_entity_poly.pdbx_strand_id   A
#
loop_
_chem_comp.id
_chem_comp.type
_chem_comp.name
_chem_comp.formula
TRS non-polymer 2-AMINO-2-HYDROXYMETHYL-PROPANE-1,3-DIOL 'C4 H12 N O3 1'
ZN non-polymer 'ZINC ION' 'Zn 2'
#
# COMPACT_ATOMS: atom_id res chain seq x y z
N MET A 1 -16.14 -22.47 -10.99
CA MET A 1 -14.81 -21.91 -11.19
C MET A 1 -13.78 -22.99 -10.97
N THR A 2 -12.74 -22.97 -11.80
CA THR A 2 -11.66 -23.94 -11.76
C THR A 2 -10.38 -23.35 -11.17
N PHE A 3 -10.46 -22.18 -10.51
CA PHE A 3 -9.28 -21.63 -9.89
C PHE A 3 -9.71 -20.64 -8.81
N ALA A 4 -8.78 -20.31 -7.92
CA ALA A 4 -9.04 -19.31 -6.91
C ALA A 4 -7.79 -18.49 -6.69
N ILE A 5 -7.99 -17.20 -6.44
CA ILE A 5 -6.88 -16.33 -6.04
C ILE A 5 -6.42 -16.75 -4.65
N LYS A 6 -5.10 -16.92 -4.48
CA LYS A 6 -4.59 -17.31 -3.18
C LYS A 6 -4.33 -16.11 -2.28
N LYS A 7 -3.71 -15.07 -2.83
CA LYS A 7 -3.28 -13.91 -2.05
C LYS A 7 -2.74 -12.91 -3.08
N ILE A 8 -2.41 -11.70 -2.60
CA ILE A 8 -1.63 -10.76 -3.41
C ILE A 8 -0.21 -11.26 -3.50
N HIS A 9 0.27 -11.43 -4.71
CA HIS A 9 1.64 -11.85 -4.90
C HIS A 9 2.59 -10.67 -4.79
N HIS A 10 2.36 -9.62 -5.58
CA HIS A 10 3.13 -8.38 -5.44
C HIS A 10 2.30 -7.21 -5.94
N VAL A 11 2.54 -6.05 -5.34
CA VAL A 11 1.97 -4.81 -5.84
C VAL A 11 3.14 -3.89 -6.15
N ALA A 12 3.16 -3.33 -7.37
CA ALA A 12 4.34 -2.62 -7.85
C ALA A 12 4.03 -1.15 -8.10
N TYR A 13 5.00 -0.30 -7.75
CA TYR A 13 4.95 1.13 -7.97
C TYR A 13 6.31 1.59 -8.45
N ARG A 14 6.37 2.83 -8.93
CA ARG A 14 7.65 3.43 -9.28
C ARG A 14 8.30 4.03 -8.04
N CYS A 15 9.63 3.97 -7.99
CA CYS A 15 10.35 4.69 -6.94
C CYS A 15 11.44 5.54 -7.59
N LYS A 16 11.85 6.59 -6.87
CA LYS A 16 12.85 7.49 -7.43
C LYS A 16 14.27 6.96 -7.29
N ASP A 17 14.58 6.26 -6.21
CA ASP A 17 15.93 5.75 -5.99
C ASP A 17 15.88 4.43 -5.27
N ALA A 18 16.31 3.36 -5.93
CA ALA A 18 16.13 2.01 -5.39
C ALA A 18 16.81 1.85 -4.03
N LYS A 19 18.06 2.29 -3.91
CA LYS A 19 18.78 2.06 -2.68
C LYS A 19 18.18 2.86 -1.53
N GLU A 20 17.80 4.12 -1.79
CA GLU A 20 17.16 4.91 -0.74
C GLU A 20 15.83 4.29 -0.33
N THR A 21 15.07 3.75 -1.28
CA THR A 21 13.80 3.14 -0.94
C THR A 21 13.98 1.89 -0.10
N VAL A 22 14.91 1.02 -0.48
CA VAL A 22 15.18 -0.18 0.30
C VAL A 22 15.55 0.21 1.73
N GLU A 23 16.43 1.19 1.86
CA GLU A 23 16.94 1.59 3.17
C GLU A 23 15.83 2.17 4.03
N TRP A 24 14.94 2.96 3.44
CA TRP A 24 13.84 3.58 4.21
C TRP A 24 12.85 2.54 4.69
N TYR A 25 12.44 1.63 3.80
CA TYR A 25 11.46 0.65 4.25
C TYR A 25 12.01 -0.27 5.32
N LYS A 26 13.33 -0.59 5.26
CA LYS A 26 13.94 -1.35 6.34
C LYS A 26 13.98 -0.55 7.63
N LYS A 27 14.42 0.70 7.55
CA LYS A 27 14.57 1.49 8.76
C LYS A 27 13.22 1.81 9.40
N MET A 28 12.23 2.22 8.58
CA MET A 28 10.98 2.72 9.14
C MET A 28 9.99 1.61 9.45
N LEU A 29 9.94 0.56 8.62
CA LEU A 29 8.90 -0.46 8.76
C LEU A 29 9.45 -1.87 8.92
N ASN A 30 10.76 -2.04 9.03
CA ASN A 30 11.43 -3.35 9.13
C ASN A 30 11.07 -4.28 7.99
N MET A 31 10.87 -3.75 6.79
CA MET A 31 10.51 -4.57 5.65
C MET A 31 11.79 -4.96 4.92
N ASP A 32 12.08 -6.25 4.89
CA ASP A 32 13.31 -6.79 4.33
C ASP A 32 13.31 -6.77 2.80
N PHE A 33 14.50 -6.60 2.25
CA PHE A 33 14.76 -6.65 0.80
C PHE A 33 14.93 -8.12 0.41
N ILE A 34 14.05 -8.63 -0.46
CA ILE A 34 14.03 -10.05 -0.83
C ILE A 34 14.91 -10.34 -2.03
N LEU A 35 14.71 -9.58 -3.11
CA LEU A 35 15.41 -9.83 -4.37
C LEU A 35 15.26 -8.60 -5.27
N ALA A 36 16.07 -8.54 -6.33
CA ALA A 36 15.92 -7.54 -7.38
C ALA A 36 16.20 -8.19 -8.73
N PHE A 37 15.45 -7.76 -9.75
CA PHE A 37 15.71 -7.98 -11.18
C PHE A 37 16.23 -6.65 -11.75
N ALA A 38 17.18 -6.71 -12.70
CA ALA A 38 17.55 -5.49 -13.40
C ALA A 38 17.98 -5.81 -14.83
N GLU A 39 17.65 -4.91 -15.76
CA GLU A 39 18.07 -5.04 -17.15
C GLU A 39 18.40 -3.67 -17.69
N ASP A 40 19.16 -3.61 -18.78
CA ASP A 40 19.42 -2.30 -19.36
C ASP A 40 18.46 -1.89 -20.47
N HIS A 41 17.47 -2.72 -20.80
CA HIS A 41 16.49 -2.38 -21.80
C HIS A 41 15.19 -3.04 -21.37
N VAL A 42 14.09 -2.50 -21.85
CA VAL A 42 12.77 -3.04 -21.58
C VAL A 42 12.60 -4.26 -22.47
N PRO A 43 12.01 -5.34 -21.98
CA PRO A 43 11.85 -6.54 -22.82
C PRO A 43 11.24 -6.23 -24.18
N SER A 44 11.86 -6.77 -25.23
CA SER A 44 11.41 -6.68 -26.62
C SER A 44 11.82 -5.38 -27.32
N THR A 45 12.45 -4.45 -26.62
CA THR A 45 12.91 -3.21 -27.23
C THR A 45 14.43 -3.17 -27.14
N LYS A 46 15.05 -2.48 -28.10
CA LYS A 46 16.50 -2.44 -28.14
C LYS A 46 17.05 -1.29 -27.32
N ALA A 47 16.30 -0.22 -27.23
CA ALA A 47 16.87 1.04 -26.77
C ALA A 47 17.32 0.95 -25.31
N PHE A 48 18.45 1.60 -25.05
CA PHE A 48 18.89 1.79 -23.69
C PHE A 48 17.79 2.42 -22.83
N ASP A 49 17.40 1.71 -21.77
CA ASP A 49 16.30 2.13 -20.90
C ASP A 49 16.33 1.24 -19.66
N PRO A 50 17.29 1.44 -18.77
CA PRO A 50 17.55 0.49 -17.68
C PRO A 50 16.46 0.52 -16.61
N TYR A 51 16.28 -0.59 -15.93
CA TYR A 51 15.40 -0.55 -14.76
C TYR A 51 15.94 -1.48 -13.70
N MET A 52 15.52 -1.20 -12.46
CA MET A 52 15.79 -2.07 -11.34
C MET A 52 14.44 -2.35 -10.68
N HIS A 53 14.13 -3.63 -10.55
CA HIS A 53 12.85 -4.05 -9.94
C HIS A 53 13.15 -4.72 -8.60
N LEU A 54 12.63 -4.14 -7.53
CA LEU A 54 12.94 -4.65 -6.18
C LEU A 54 11.70 -5.22 -5.49
N PHE A 55 11.91 -6.33 -4.81
CA PHE A 55 10.86 -6.92 -3.97
C PHE A 55 11.16 -6.70 -2.51
N LEU A 56 10.19 -6.20 -1.76
CA LEU A 56 10.27 -6.04 -0.31
C LEU A 56 9.23 -6.93 0.37
N ASP A 57 9.57 -7.41 1.57
CA ASP A 57 8.72 -8.33 2.31
C ASP A 57 7.64 -7.54 3.06
N ALA A 58 6.39 -7.73 2.67
CA ALA A 58 5.25 -7.06 3.28
C ALA A 58 4.42 -8.00 4.16
N GLY A 59 4.98 -9.15 4.51
CA GLY A 59 4.34 -10.07 5.44
C GLY A 59 3.52 -11.16 4.80
N GLN A 60 3.59 -12.39 5.36
CA GLN A 60 2.76 -13.51 4.96
C GLN A 60 2.94 -13.79 3.47
N GLY A 61 4.14 -13.54 2.98
CA GLY A 61 4.45 -13.78 1.60
C GLY A 61 4.00 -12.69 0.65
N ASN A 62 3.34 -11.64 1.12
CA ASN A 62 3.01 -10.54 0.24
C ASN A 62 4.27 -9.75 -0.05
N VAL A 63 4.34 -9.15 -1.25
CA VAL A 63 5.49 -8.36 -1.66
C VAL A 63 5.04 -6.95 -2.04
N LEU A 64 5.79 -5.96 -1.55
CA LEU A 64 5.71 -4.60 -2.06
C LEU A 64 6.89 -4.44 -3.01
N ALA A 65 6.60 -4.12 -4.29
CA ALA A 65 7.64 -4.05 -5.31
C ALA A 65 7.77 -2.65 -5.89
N PHE A 66 9.00 -2.29 -6.26
CA PHE A 66 9.27 -1.00 -6.87
C PHE A 66 10.07 -1.17 -8.15
N PHE A 67 9.90 -0.22 -9.05
CA PHE A 67 10.80 -0.09 -10.19
C PHE A 67 11.47 1.28 -10.12
N GLU A 68 12.78 1.32 -10.37
CA GLU A 68 13.46 2.58 -10.62
C GLU A 68 13.79 2.63 -12.10
N LEU A 69 13.40 3.73 -12.77
CA LEU A 69 13.58 3.92 -14.21
C LEU A 69 14.45 5.17 -14.39
N PRO A 70 15.79 5.01 -14.32
CA PRO A 70 16.64 6.22 -14.21
C PRO A 70 16.71 7.06 -15.49
N THR A 71 16.31 6.55 -16.66
CA THR A 71 16.36 7.37 -17.87
C THR A 71 15.00 7.84 -18.30
N GLN A 72 13.95 7.57 -17.49
CA GLN A 72 12.67 8.09 -17.82
C GLN A 72 12.41 9.43 -17.13
N PRO A 73 11.58 10.25 -17.76
CA PRO A 73 11.12 11.49 -17.12
C PRO A 73 10.58 11.23 -15.72
N GLU A 74 10.80 12.20 -14.84
CA GLU A 74 10.46 12.07 -13.43
C GLU A 74 9.03 11.60 -13.21
N MET A 75 8.87 10.76 -12.20
CA MET A 75 7.55 10.27 -11.81
C MET A 75 6.58 11.42 -11.58
N GLY A 76 5.34 11.24 -12.07
CA GLY A 76 4.30 12.21 -11.80
C GLY A 76 3.13 11.55 -11.10
N ARG A 77 1.93 11.96 -11.47
CA ARG A 77 0.77 11.35 -10.82
C ARG A 77 -0.44 11.62 -11.68
N ASP A 78 -1.54 11.00 -11.28
CA ASP A 78 -2.83 11.25 -11.91
C ASP A 78 -3.39 12.53 -11.31
N GLU A 79 -3.28 13.62 -12.03
CA GLU A 79 -3.75 14.88 -11.50
C GLU A 79 -5.27 14.97 -11.39
N ASN A 80 -6.03 14.04 -11.97
CA ASN A 80 -7.48 14.12 -11.82
C ASN A 80 -8.01 13.38 -10.60
N THR A 81 -7.15 12.78 -9.79
CA THR A 81 -7.62 11.96 -8.67
C THR A 81 -7.02 12.49 -7.37
N PRO A 82 -7.79 12.66 -6.31
CA PRO A 82 -7.19 13.12 -5.05
C PRO A 82 -6.13 12.15 -4.52
N GLN A 83 -5.16 12.70 -3.77
CA GLN A 83 -4.07 11.86 -3.24
C GLN A 83 -4.57 10.79 -2.28
N TRP A 84 -5.67 11.03 -1.57
CA TRP A 84 -6.07 10.04 -0.57
C TRP A 84 -6.63 8.76 -1.20
N VAL A 85 -6.89 8.74 -2.50
CA VAL A 85 -7.54 7.53 -3.09
C VAL A 85 -6.51 6.41 -3.23
N GLN A 86 -5.46 6.66 -3.99
CA GLN A 86 -4.50 5.57 -4.24
C GLN A 86 -3.55 5.48 -3.03
N HIS A 87 -3.63 4.35 -2.36
CA HIS A 87 -2.78 4.16 -1.18
C HIS A 87 -2.63 2.66 -0.90
N ILE A 88 -1.68 2.35 -0.03
CA ILE A 88 -1.51 0.93 0.40
C ILE A 88 -1.48 0.89 1.92
N ALA A 89 -2.23 -0.04 2.48
CA ALA A 89 -2.31 -0.21 3.94
C ALA A 89 -1.75 -1.56 4.36
N PHE A 90 -0.95 -1.53 5.41
CA PHE A 90 -0.36 -2.76 5.96
C PHE A 90 -0.94 -2.98 7.34
N GLU A 91 -1.14 -4.24 7.63
CA GLU A 91 -1.75 -4.60 8.92
C GLU A 91 -0.70 -4.77 10.00
N VAL A 92 -1.03 -4.28 11.18
CA VAL A 92 -0.21 -4.52 12.38
C VAL A 92 -1.12 -5.33 13.33
N GLU A 93 -0.52 -5.98 14.32
CA GLU A 93 -1.29 -6.91 15.19
C GLU A 93 -2.37 -6.24 16.04
N ASP A 94 -2.07 -5.10 16.64
CA ASP A 94 -3.00 -4.50 17.61
C ASP A 94 -2.62 -3.04 17.90
N VAL A 95 -3.31 -2.44 18.85
CA VAL A 95 -3.10 -0.99 19.16
C VAL A 95 -1.68 -0.75 19.68
N ASN A 96 -1.13 -1.70 20.43
CA ASN A 96 0.24 -1.50 20.98
C ASN A 96 1.23 -1.44 19.82
N ALA A 97 1.05 -2.28 18.82
CA ALA A 97 1.93 -2.27 17.65
C ALA A 97 1.74 -0.97 16.85
N LEU A 98 0.49 -0.50 16.71
CA LEU A 98 0.25 0.73 15.94
C LEU A 98 0.88 1.93 16.63
N MET A 99 0.76 1.97 17.96
CA MET A 99 1.34 3.09 18.72
C MET A 99 2.86 2.98 18.70
N ALA A 100 3.38 1.77 18.74
CA ALA A 100 4.84 1.60 18.62
C ALA A 100 5.30 2.14 17.27
N ALA A 101 4.55 1.78 16.22
CA ALA A 101 4.94 2.23 14.88
C ALA A 101 4.87 3.75 14.78
N LYS A 102 3.81 4.32 15.34
CA LYS A 102 3.63 5.79 15.29
C LYS A 102 4.83 6.48 15.98
N GLN A 103 5.18 5.99 17.16
CA GLN A 103 6.31 6.57 17.91
C GLN A 103 7.62 6.42 17.13
N HIS A 104 7.86 5.24 16.58
CA HIS A 104 9.10 4.97 15.81
C HIS A 104 9.19 5.90 14.61
N LEU A 105 8.09 6.02 13.86
CA LEU A 105 8.10 6.89 12.67
C LEU A 105 8.38 8.33 13.10
N GLU A 106 7.69 8.78 14.15
CA GLU A 106 7.87 10.18 14.61
C GLU A 106 9.31 10.41 15.09
N GLU A 107 9.88 9.44 15.76
CA GLU A 107 11.25 9.59 16.29
C GLU A 107 12.25 9.64 15.13
N ASN A 108 11.85 9.11 13.97
CA ASN A 108 12.73 9.13 12.78
C ASN A 108 12.34 10.26 11.84
N GLY A 109 11.50 11.19 12.29
CA GLY A 109 11.22 12.41 11.52
C GLY A 109 10.10 12.32 10.49
N VAL A 110 9.33 11.26 10.55
CA VAL A 110 8.19 11.09 9.62
C VAL A 110 6.95 11.73 10.25
N LYS A 111 6.25 12.56 9.49
CA LYS A 111 4.99 13.13 9.97
C LYS A 111 3.91 12.05 9.90
N VAL A 112 3.20 11.87 11.00
CA VAL A 112 2.18 10.79 11.08
C VAL A 112 0.83 11.38 11.46
N LEU A 113 -0.19 11.08 10.66
CA LEU A 113 -1.58 11.49 10.99
C LEU A 113 -2.29 10.30 11.59
N GLY A 114 -3.11 10.55 12.61
CA GLY A 114 -3.81 9.49 13.32
C GLY A 114 -3.60 9.60 14.81
N VAL A 115 -4.19 8.70 15.59
CA VAL A 115 -4.85 7.48 15.05
C VAL A 115 -6.26 7.85 14.59
N THR A 116 -6.67 7.26 13.48
CA THR A 116 -8.02 7.51 12.93
C THR A 116 -8.89 6.27 13.15
N ASN A 117 -10.09 6.48 13.68
CA ASN A 117 -11.04 5.39 13.93
C ASN A 117 -11.92 5.21 12.69
N HIS A 118 -11.80 4.06 12.05
CA HIS A 118 -12.63 3.75 10.85
C HIS A 118 -13.67 2.70 11.22
N GLY A 119 -13.88 2.51 12.52
CA GLY A 119 -14.92 1.57 13.02
C GLY A 119 -14.48 0.12 13.04
N ILE A 120 -14.16 -0.44 11.89
CA ILE A 120 -13.75 -1.86 11.78
C ILE A 120 -12.22 -1.98 11.84
N PHE A 121 -11.55 -0.85 11.74
CA PHE A 121 -10.07 -0.83 11.87
C PHE A 121 -9.63 0.58 12.29
N HIS A 122 -8.39 0.68 12.72
CA HIS A 122 -7.85 1.95 13.26
C HIS A 122 -6.52 2.20 12.55
N SER A 123 -6.33 3.43 12.12
CA SER A 123 -5.18 3.65 11.22
C SER A 123 -4.32 4.88 11.47
N ILE A 124 -3.09 4.80 10.94
CA ILE A 124 -2.18 5.98 10.91
C ILE A 124 -1.74 6.15 9.46
N TYR A 125 -1.36 7.36 9.11
CA TYR A 125 -1.02 7.66 7.71
C TYR A 125 0.25 8.46 7.62
N PHE A 126 1.02 8.15 6.58
CA PHE A 126 2.30 8.85 6.36
C PHE A 126 2.70 8.63 4.91
N PHE A 127 3.66 9.43 4.46
CA PHE A 127 4.17 9.27 3.10
C PHE A 127 5.46 8.46 3.07
N ASP A 128 5.67 7.76 1.97
CA ASP A 128 6.96 7.09 1.75
C ASP A 128 7.87 8.11 1.04
N PRO A 129 9.16 7.82 0.85
CA PRO A 129 10.08 8.80 0.26
C PRO A 129 9.89 9.03 -1.25
N ASN A 130 8.90 8.38 -1.83
CA ASN A 130 8.54 8.56 -3.25
C ASN A 130 7.21 9.32 -3.37
N GLY A 131 6.60 9.67 -2.24
CA GLY A 131 5.31 10.37 -2.27
C GLY A 131 4.11 9.44 -2.29
N HIS A 132 4.37 8.14 -2.13
CA HIS A 132 3.24 7.20 -2.04
C HIS A 132 2.56 7.36 -0.67
N ARG A 133 1.24 7.17 -0.66
CA ARG A 133 0.45 7.29 0.59
C ARG A 133 0.39 5.93 1.28
N LEU A 134 0.95 5.87 2.47
CA LEU A 134 0.98 4.62 3.24
C LEU A 134 0.01 4.68 4.41
N GLU A 135 -0.45 3.51 4.80
CA GLU A 135 -1.35 3.39 5.96
C GLU A 135 -0.96 2.16 6.79
N LEU A 136 -0.91 2.31 8.10
CA LEU A 136 -0.77 1.15 8.97
C LEU A 136 -2.06 1.05 9.76
N THR A 137 -2.55 -0.17 9.91
CA THR A 137 -3.86 -0.33 10.51
C THR A 137 -3.92 -1.61 11.33
N TYR A 138 -4.77 -1.61 12.37
CA TYR A 138 -5.08 -2.87 13.02
C TYR A 138 -6.59 -3.02 13.05
N ASN A 139 -7.02 -4.26 13.03
CA ASN A 139 -8.45 -4.53 12.95
C ASN A 139 -9.08 -4.42 14.33
N ASP A 140 -10.25 -3.78 14.36
CA ASP A 140 -11.00 -3.66 15.60
C ASP A 140 -11.35 -5.04 16.13
N VAL A 141 -11.42 -5.17 17.45
CA VAL A 141 -11.71 -6.48 18.05
C VAL A 141 -13.07 -6.99 17.62
N ARG A 142 -14.01 -6.10 17.30
CA ARG A 142 -15.33 -6.54 16.87
C ARG A 142 -15.52 -6.40 15.38
N ALA A 143 -14.42 -6.32 14.62
CA ALA A 143 -14.55 -6.04 13.20
C ALA A 143 -15.37 -7.11 12.49
N GLU A 144 -15.09 -8.38 12.77
CA GLU A 144 -15.79 -9.40 12.01
C GLU A 144 -17.28 -9.41 12.31
N GLU A 145 -17.63 -9.15 13.57
CA GLU A 145 -19.03 -9.05 13.94
C GLU A 145 -19.71 -7.88 13.23
N LYS A 146 -19.03 -6.71 13.13
CA LYS A 146 -19.67 -5.60 12.43
C LYS A 146 -19.82 -5.89 10.94
N ILE A 147 -18.80 -6.49 10.32
CA ILE A 147 -18.88 -6.79 8.89
C ILE A 147 -19.99 -7.81 8.62
N ALA A 148 -20.16 -8.78 9.53
CA ALA A 148 -21.14 -9.85 9.33
C ALA A 148 -22.58 -9.35 9.34
N LYS A 149 -22.83 -8.14 9.84
CA LYS A 149 -24.14 -7.51 9.72
C LYS A 149 -24.52 -7.16 8.28
N ILE A 150 -23.56 -7.17 7.35
CA ILE A 150 -23.82 -6.83 5.95
C ILE A 150 -24.19 -8.12 5.22
N THR A 151 -25.48 -8.28 4.91
CA THR A 151 -25.90 -9.49 4.25
C THR A 151 -25.71 -9.37 2.74
N GLU A 152 -25.80 -10.51 2.06
CA GLU A 152 -25.67 -10.44 0.61
C GLU A 152 -26.76 -9.55 0.00
N GLU A 153 -27.96 -9.55 0.59
CA GLU A 153 -29.05 -8.69 0.12
C GLU A 153 -28.72 -7.21 0.28
N MET A 154 -28.16 -6.84 1.43
CA MET A 154 -27.73 -5.46 1.66
C MET A 154 -26.68 -5.04 0.64
N LYS A 155 -25.71 -5.91 0.35
CA LYS A 155 -24.69 -5.58 -0.64
C LYS A 155 -25.30 -5.31 -2.00
N ALA A 156 -26.17 -6.21 -2.46
CA ALA A 156 -26.84 -5.98 -3.73
C ALA A 156 -27.59 -4.67 -3.72
N GLU A 157 -28.32 -4.40 -2.63
CA GLU A 157 -29.15 -3.22 -2.57
C GLU A 157 -28.30 -1.95 -2.59
N MET A 158 -27.20 -1.97 -1.82
CA MET A 158 -26.34 -0.79 -1.76
C MET A 158 -25.76 -0.47 -3.13
N LEU A 159 -25.25 -1.48 -3.84
CA LEU A 159 -24.71 -1.24 -5.18
C LEU A 159 -25.77 -0.77 -6.15
N GLU A 160 -26.97 -1.34 -6.08
CA GLU A 160 -28.00 -0.90 -7.00
C GLU A 160 -28.37 0.55 -6.74
N GLU A 161 -28.59 0.88 -5.47
CA GLU A 161 -28.94 2.25 -5.12
C GLU A 161 -27.83 3.21 -5.50
N TRP A 162 -26.59 2.87 -5.15
CA TRP A 162 -25.50 3.73 -5.58
C TRP A 162 -25.45 3.88 -7.10
N SER A 163 -25.60 2.77 -7.86
CA SER A 163 -25.53 2.88 -9.31
C SER A 163 -26.58 3.82 -9.86
N LYS A 164 -27.72 3.90 -9.19
CA LYS A 164 -28.82 4.71 -9.67
C LYS A 164 -28.64 6.18 -9.31
N THR A 165 -28.14 6.46 -8.12
CA THR A 165 -28.18 7.82 -7.57
C THR A 165 -26.82 8.48 -7.47
N LYS A 166 -25.77 7.68 -7.36
CA LYS A 166 -24.42 8.16 -7.09
C LYS A 166 -24.37 9.04 -5.84
N ARG A 167 -25.21 8.70 -4.86
CA ARG A 167 -25.20 9.26 -3.52
C ARG A 167 -25.04 8.13 -2.52
N ALA A 168 -24.48 8.43 -1.35
CA ALA A 168 -24.24 7.36 -0.40
C ALA A 168 -25.53 6.68 -0.03
N PRO A 169 -25.65 5.36 -0.22
CA PRO A 169 -26.81 4.59 0.19
C PRO A 169 -26.76 4.32 1.68
ZN ZN B . -7.18 2.82 3.60
C TRS C . -8.80 4.71 4.26
C1 TRS C . -9.61 5.94 4.69
C2 TRS C . -9.62 4.20 3.04
C3 TRS C . -9.10 3.74 5.41
N TRS C . -7.32 5.02 4.14
O1 TRS C . -9.79 6.89 3.66
O2 TRS C . -9.10 2.93 2.71
O3 TRS C . -8.33 2.57 5.33
H11 TRS C . -9.08 6.42 5.52
H12 TRS C . -10.59 5.62 5.05
H21 TRS C . -9.51 4.88 2.20
H22 TRS C . -10.67 4.13 3.29
H31 TRS C . -10.16 3.46 5.38
H32 TRS C . -8.91 4.24 6.35
HN1 TRS C . -7.01 6.00 4.16
HN2 TRS C . -6.67 4.67 4.84
HN3 TRS C . -6.80 4.74 3.32
HO1 TRS C . -8.92 7.16 3.30
HO2 TRS C . -9.44 2.65 1.83
HO3 TRS C . -8.90 1.81 5.14
#